data_4THN
#
_entry.id   4THN
#
_cell.length_a   72.300
_cell.length_b   72.700
_cell.length_c   73.600
_cell.angle_alpha   90.00
_cell.angle_beta   100.00
_cell.angle_gamma   90.00
#
_symmetry.space_group_name_H-M   'C 1 2 1'
#
loop_
_entity.id
_entity.type
_entity.pdbx_description
1 polymer ALPHA-THROMBIN
2 polymer ALPHA-THROMBIN
3 polymer 'HIRUNORM IV'
4 non-polymer 2-acetamido-2-deoxy-beta-D-glucopyranose
5 water water
#
loop_
_entity_poly.entity_id
_entity_poly.type
_entity_poly.pdbx_seq_one_letter_code
_entity_poly.pdbx_strand_id
1 'polypeptide(L)' TFGSGEADCGLRPLFEKKSLEDKTERELLESYIDGR L
2 'polypeptide(L)'
;IVEGSDAEIGMSPWQVMLFRKSPQELLCGASLISDRWVLTAAHCLLYPPWDKNFTENDLLVRIGKHSRTRYERNIEKISM
LEKIYIHPRYNWRENLDRDIALMKLKKPVAFSDYIHPVCLPDRETAASLLQAGYKGRVTGWGNLKETWTANVGKGQPSVL
QVVNLPIVERPVCKDSTRIRITDNMFCAGYKPDEGKRGDACEGDSGGPFVMKSPFNNRWYQMGIVSWGEGCDRDGKYGFY
THVFRLKKWIQKVIDQFGE
;
H
3 'polypeptide(L)' (CHG)R(NAL)TD(DAL)G(BAL)PESH(HMF)GGDYEEIP(AIB)(AIB)Y(ALC)(DGL) I
#
loop_
_chem_comp.id
_chem_comp.type
_chem_comp.name
_chem_comp.formula
BAL peptide-like BETA-ALANINE 'C3 H7 N O2'
NAG D-saccharide, beta linking 2-acetamido-2-deoxy-beta-D-glucopyranose 'C8 H15 N O6'
#
# COMPACT_ATOMS: atom_id res chain seq x y z
N THR A 1 11.63 -8.42 -5.30
CA THR A 1 11.23 -9.73 -5.77
C THR A 1 11.37 -10.79 -4.69
N PHE A 2 11.70 -10.34 -3.49
CA PHE A 2 11.89 -11.26 -2.36
C PHE A 2 12.32 -10.51 -1.11
N GLY A 3 13.01 -11.24 -0.23
CA GLY A 3 13.51 -10.66 1.01
C GLY A 3 14.23 -9.36 0.71
N SER A 4 14.02 -8.37 1.57
CA SER A 4 14.65 -7.09 1.35
C SER A 4 14.22 -6.52 0.01
N GLY A 5 12.98 -6.80 -0.35
CA GLY A 5 12.37 -6.34 -1.58
C GLY A 5 13.17 -6.63 -2.85
N GLU A 6 14.08 -5.72 -3.17
CA GLU A 6 14.89 -5.84 -4.38
C GLU A 6 16.36 -5.45 -4.21
N ALA A 7 17.09 -5.45 -5.32
CA ALA A 7 18.54 -5.10 -5.34
C ALA A 7 18.88 -3.63 -5.16
N ASP A 8 18.16 -2.82 -5.92
CA ASP A 8 18.26 -1.38 -5.91
C ASP A 8 17.01 -0.87 -5.20
N CYS A 9 16.29 -1.84 -4.63
CA CYS A 9 15.03 -1.59 -3.97
C CYS A 9 15.10 -0.52 -2.91
N GLY A 10 14.02 0.23 -2.79
CA GLY A 10 13.93 1.20 -1.71
C GLY A 10 14.60 2.56 -1.85
N LEU A 11 15.52 2.74 -2.81
CA LEU A 11 16.17 4.05 -3.06
C LEU A 11 15.51 4.80 -4.21
N ARG A 12 14.88 5.94 -3.90
CA ARG A 12 14.15 6.77 -4.84
C ARG A 12 15.03 7.63 -5.76
N PRO A 13 14.75 7.51 -7.05
CA PRO A 13 15.49 8.20 -8.05
C PRO A 13 15.56 9.71 -7.90
N LEU A 14 14.47 10.29 -7.40
CA LEU A 14 14.36 11.73 -7.25
C LEU A 14 14.77 12.25 -5.88
N PHE A 15 15.14 11.33 -4.95
CA PHE A 15 15.59 11.64 -3.59
C PHE A 15 16.90 10.91 -3.21
N GLU A 16 16.77 9.73 -2.62
CA GLU A 16 17.93 8.96 -2.20
C GLU A 16 19.06 9.01 -3.22
N LYS A 17 18.74 8.75 -4.43
CA LYS A 17 19.78 8.74 -5.44
C LYS A 17 20.40 10.09 -5.73
N LYS A 18 19.73 11.16 -5.30
CA LYS A 18 20.22 12.47 -5.60
C LYS A 18 20.61 13.11 -4.29
N SER A 19 20.52 12.29 -3.27
CA SER A 19 20.74 12.85 -1.94
C SER A 19 19.78 13.98 -1.61
N LEU A 20 18.51 13.88 -2.06
CA LEU A 20 17.48 14.87 -1.71
C LEU A 20 16.49 14.32 -0.68
N GLU A 21 16.05 15.15 0.27
CA GLU A 21 15.13 14.70 1.31
C GLU A 21 13.74 15.17 0.96
N ASP A 22 12.75 14.32 1.17
CA ASP A 22 11.39 14.78 0.91
C ASP A 22 10.97 15.60 2.10
N LYS A 23 9.82 16.22 1.92
CA LYS A 23 9.29 17.15 2.88
C LYS A 23 8.86 16.60 4.22
N THR A 24 8.75 15.28 4.41
CA THR A 24 8.27 14.79 5.71
C THR A 24 9.02 13.61 6.35
N GLU A 25 10.06 13.11 5.67
CA GLU A 25 10.79 12.00 6.26
C GLU A 25 11.44 12.30 7.61
N ARG A 26 11.83 13.55 7.93
CA ARG A 26 12.36 13.79 9.27
C ARG A 26 11.41 13.23 10.35
N GLU A 27 10.10 13.53 10.20
CA GLU A 27 9.02 13.08 11.09
C GLU A 27 9.22 11.63 11.50
N LEU A 28 9.45 10.81 10.49
CA LEU A 28 9.65 9.38 10.65
C LEU A 28 10.89 9.12 11.45
N LEU A 29 12.01 9.56 10.89
CA LEU A 29 13.32 9.36 11.45
C LEU A 29 13.37 9.69 12.91
N GLU A 30 12.62 10.70 13.25
CA GLU A 30 12.58 11.15 14.62
C GLU A 30 11.78 10.23 15.53
N SER A 31 10.79 9.54 14.97
CA SER A 31 9.92 8.68 15.77
C SER A 31 10.68 7.48 16.26
N TYR A 32 11.73 7.12 15.52
CA TYR A 32 12.53 5.97 15.89
C TYR A 32 13.37 6.33 17.09
N ILE A 33 12.85 7.27 17.87
CA ILE A 33 13.52 7.85 19.02
C ILE A 33 14.68 8.72 18.53
N ASP A 34 15.26 8.27 17.41
CA ASP A 34 16.32 8.98 16.74
C ASP A 34 16.91 8.33 15.50
N GLY A 35 16.32 8.71 14.36
CA GLY A 35 16.73 8.21 13.07
C GLY A 35 18.10 8.73 12.67
N ARG A 36 18.81 7.90 11.90
CA ARG A 36 20.14 8.22 11.43
C ARG A 36 20.83 6.98 10.86
N ILE B 1 -7.29 9.32 1.73
CA ILE B 1 -6.53 9.76 2.89
C ILE B 1 -7.22 10.97 3.51
N VAL B 2 -7.39 10.90 4.84
CA VAL B 2 -8.00 11.88 5.72
C VAL B 2 -6.90 12.62 6.50
N GLU B 3 -6.87 13.95 6.37
CA GLU B 3 -5.86 14.79 7.01
C GLU B 3 -4.44 14.63 6.45
N GLY B 4 -4.31 14.34 5.16
CA GLY B 4 -3.00 14.18 4.59
C GLY B 4 -2.63 15.41 3.78
N SER B 5 -1.68 15.23 2.89
CA SER B 5 -1.30 16.35 2.07
C SER B 5 -0.96 15.78 0.74
N ASP B 6 -0.66 16.70 -0.17
CA ASP B 6 -0.30 16.42 -1.54
C ASP B 6 1.09 15.82 -1.63
N ALA B 7 1.21 14.66 -2.26
CA ALA B 7 2.49 14.01 -2.44
C ALA B 7 3.32 14.70 -3.50
N GLU B 8 4.62 14.87 -3.26
CA GLU B 8 5.56 15.43 -4.22
C GLU B 8 5.81 14.46 -5.38
N ILE B 9 6.17 15.01 -6.52
CA ILE B 9 6.39 14.13 -7.65
C ILE B 9 7.54 13.15 -7.35
N GLY B 10 7.34 11.87 -7.63
CA GLY B 10 8.36 10.87 -7.45
C GLY B 10 8.61 10.46 -6.01
N MET B 11 7.69 10.83 -5.13
CA MET B 11 7.79 10.53 -3.70
C MET B 11 7.54 9.06 -3.25
N SER B 12 6.79 8.26 -4.05
CA SER B 12 6.45 6.84 -3.88
C SER B 12 6.39 6.19 -5.24
N PRO B 13 7.53 5.93 -5.80
CA PRO B 13 7.50 5.41 -7.13
C PRO B 13 7.05 3.96 -7.23
N TRP B 14 6.72 3.36 -6.09
CA TRP B 14 6.26 1.98 -6.12
C TRP B 14 4.75 1.88 -6.15
N GLN B 15 4.09 2.97 -5.79
CA GLN B 15 2.64 3.04 -5.74
C GLN B 15 1.97 2.62 -7.02
N VAL B 16 0.88 1.87 -6.89
CA VAL B 16 0.23 1.35 -8.09
C VAL B 16 -1.27 1.53 -8.08
N MET B 17 -1.87 1.62 -9.28
CA MET B 17 -3.30 1.81 -9.42
C MET B 17 -4.04 0.65 -10.01
N LEU B 18 -4.91 0.09 -9.19
CA LEU B 18 -5.81 -0.99 -9.58
C LEU B 18 -6.93 -0.28 -10.29
N PHE B 19 -6.97 -0.53 -11.56
CA PHE B 19 -7.95 0.19 -12.31
C PHE B 19 -8.94 -0.73 -13.02
N ARG B 20 -10.23 -0.46 -12.75
CA ARG B 20 -11.36 -1.18 -13.33
C ARG B 20 -11.52 -0.92 -14.84
N LYS B 21 -11.24 -1.98 -15.61
CA LYS B 21 -11.35 -1.97 -17.07
C LYS B 21 -12.62 -1.24 -17.48
N SER B 22 -13.77 -1.75 -17.04
CA SER B 22 -15.04 -1.10 -17.38
C SER B 22 -16.20 -1.55 -16.52
N PRO B 23 -16.92 -0.60 -15.92
CA PRO B 23 -16.71 0.84 -16.04
C PRO B 23 -15.31 1.25 -15.62
N GLN B 24 -14.69 2.08 -16.45
CA GLN B 24 -13.34 2.54 -16.19
C GLN B 24 -13.34 3.29 -14.87
N GLU B 25 -12.75 2.67 -13.86
CA GLU B 25 -12.76 3.32 -12.57
C GLU B 25 -11.73 2.70 -11.62
N LEU B 26 -11.25 3.51 -10.68
CA LEU B 26 -10.25 3.07 -9.73
C LEU B 26 -10.82 2.10 -8.73
N LEU B 27 -10.05 1.03 -8.52
CA LEU B 27 -10.40 -0.04 -7.61
C LEU B 27 -9.76 0.00 -6.22
N CYS B 28 -8.44 -0.05 -6.20
CA CYS B 28 -7.72 -0.12 -4.95
C CYS B 28 -6.36 0.40 -5.25
N GLY B 29 -5.49 0.31 -4.26
CA GLY B 29 -4.11 0.59 -4.48
C GLY B 29 -3.32 -0.74 -4.50
N ALA B 30 -2.02 -0.65 -4.66
CA ALA B 30 -1.14 -1.81 -4.66
C ALA B 30 0.25 -1.23 -4.74
N SER B 31 1.27 -2.09 -4.92
CA SER B 31 2.63 -1.57 -5.00
C SER B 31 3.61 -2.43 -5.80
N LEU B 32 4.59 -1.74 -6.36
CA LEU B 32 5.62 -2.36 -7.15
C LEU B 32 6.70 -3.01 -6.28
N ILE B 33 6.80 -4.34 -6.31
CA ILE B 33 7.83 -4.97 -5.54
C ILE B 33 8.87 -5.59 -6.43
N SER B 34 8.62 -5.62 -7.71
CA SER B 34 9.59 -6.13 -8.68
C SER B 34 9.22 -5.62 -10.08
N ASP B 35 9.88 -6.12 -11.12
CA ASP B 35 9.52 -5.67 -12.45
C ASP B 35 8.32 -6.39 -13.08
N ARG B 36 7.92 -7.50 -12.44
CA ARG B 36 6.81 -8.31 -12.89
C ARG B 36 5.73 -8.57 -11.83
N TRP B 37 5.96 -8.13 -10.57
CA TRP B 37 5.13 -8.40 -9.38
C TRP B 37 4.54 -7.23 -8.60
N VAL B 38 3.22 -7.31 -8.52
CA VAL B 38 2.49 -6.31 -7.78
C VAL B 38 1.95 -6.91 -6.48
N LEU B 39 1.84 -6.09 -5.47
CA LEU B 39 1.32 -6.61 -4.23
C LEU B 39 0.06 -5.85 -3.77
N THR B 40 -0.99 -6.60 -3.43
CA THR B 40 -2.23 -5.96 -2.98
C THR B 40 -2.93 -6.73 -1.84
N ALA B 41 -4.17 -6.36 -1.57
CA ALA B 41 -4.96 -7.03 -0.54
C ALA B 41 -6.00 -7.91 -1.21
N ALA B 42 -6.11 -9.13 -0.72
CA ALA B 42 -7.05 -10.11 -1.24
C ALA B 42 -8.47 -9.60 -1.41
N HIS B 43 -8.95 -8.82 -0.44
CA HIS B 43 -10.31 -8.26 -0.48
C HIS B 43 -10.58 -7.29 -1.65
N CYS B 44 -9.51 -6.84 -2.26
CA CYS B 44 -9.60 -5.94 -3.39
C CYS B 44 -10.13 -6.72 -4.58
N LEU B 45 -9.69 -7.98 -4.63
CA LEU B 45 -10.00 -8.94 -5.66
C LEU B 45 -11.21 -9.83 -5.35
N LEU B 46 -11.35 -10.23 -4.10
CA LEU B 46 -12.38 -11.16 -3.74
C LEU B 46 -12.99 -10.90 -2.38
N TYR B 47 -14.30 -10.82 -2.40
CA TYR B 47 -15.08 -10.55 -1.22
C TYR B 47 -16.54 -10.89 -1.47
N PRO B 48 -16.77 -12.19 -1.33
CA PRO B 48 -18.02 -12.88 -1.59
C PRO B 48 -19.19 -12.31 -0.84
N PRO B 49 -19.02 -11.81 0.35
CA PRO B 49 -20.17 -11.25 0.95
C PRO B 49 -20.77 -10.19 0.05
N TRP B 50 -19.98 -9.72 -0.92
CA TRP B 50 -20.41 -8.71 -1.89
C TRP B 50 -20.35 -9.07 -3.34
N ASP B 51 -20.22 -10.33 -3.60
CA ASP B 51 -20.15 -10.67 -4.98
C ASP B 51 -18.92 -10.06 -5.58
N LYS B 52 -17.97 -9.58 -4.76
CA LYS B 52 -16.74 -9.09 -5.39
C LYS B 52 -15.89 -10.29 -5.75
N ASN B 53 -15.68 -10.52 -7.05
CA ASN B 53 -14.93 -11.65 -7.53
C ASN B 53 -14.26 -11.45 -8.87
N PHE B 54 -13.21 -10.63 -8.88
CA PHE B 54 -12.47 -10.25 -10.07
C PHE B 54 -11.49 -11.25 -10.61
N THR B 55 -11.21 -11.03 -11.92
CA THR B 55 -10.27 -11.81 -12.69
C THR B 55 -9.19 -11.00 -13.38
N GLU B 56 -8.15 -11.76 -13.61
CA GLU B 56 -6.96 -11.36 -14.29
C GLU B 56 -7.35 -10.39 -15.36
N ASN B 57 -8.42 -10.76 -16.06
CA ASN B 57 -8.90 -10.01 -17.18
C ASN B 57 -9.80 -8.85 -16.84
N ASP B 58 -10.27 -8.77 -15.63
CA ASP B 58 -11.20 -7.69 -15.40
C ASP B 58 -10.56 -6.38 -15.11
N LEU B 59 -9.24 -6.35 -15.02
CA LEU B 59 -8.66 -5.11 -14.57
C LEU B 59 -7.35 -4.72 -15.17
N LEU B 60 -7.08 -3.42 -14.99
CA LEU B 60 -5.93 -2.65 -15.43
C LEU B 60 -5.10 -2.14 -14.26
N VAL B 61 -3.78 -2.18 -14.46
CA VAL B 61 -2.77 -1.69 -13.54
C VAL B 61 -1.97 -0.52 -14.14
N ARG B 62 -2.01 0.62 -13.45
CA ARG B 62 -1.34 1.84 -13.87
C ARG B 62 -0.28 2.29 -12.87
N ILE B 63 0.96 2.48 -13.36
CA ILE B 63 2.11 2.84 -12.54
C ILE B 63 2.84 4.10 -13.00
N GLY B 64 3.30 4.91 -12.06
CA GLY B 64 4.03 6.13 -12.39
C GLY B 64 3.11 7.34 -12.34
N LYS B 65 2.01 7.25 -11.61
CA LYS B 65 0.99 8.29 -11.55
C LYS B 65 1.09 9.22 -10.38
N HIS B 66 0.47 10.38 -10.59
CA HIS B 66 0.34 11.44 -9.61
C HIS B 66 -1.11 11.88 -9.62
N SER B 67 -1.50 12.23 -10.81
CA SER B 67 -2.84 12.63 -11.09
C SER B 67 -3.74 11.42 -11.10
N ARG B 68 -4.86 11.58 -10.41
CA ARG B 68 -5.89 10.57 -10.27
C ARG B 68 -6.63 10.27 -11.55
N THR B 69 -7.20 11.30 -12.19
CA THR B 69 -8.05 11.21 -13.39
C THR B 69 -7.43 11.28 -14.78
N ARG B 70 -6.41 12.09 -14.90
CA ARG B 70 -5.76 12.38 -16.19
C ARG B 70 -4.92 11.18 -16.64
N TYR B 71 -4.90 11.03 -17.95
CA TYR B 71 -4.03 10.03 -18.49
C TYR B 71 -2.65 10.66 -18.72
N GLU B 72 -1.73 10.47 -17.76
CA GLU B 72 -0.39 11.06 -17.76
C GLU B 72 0.57 10.57 -18.84
N ARG B 73 0.43 11.19 -20.02
CA ARG B 73 1.16 10.87 -21.23
C ARG B 73 2.66 11.06 -21.12
N ASN B 74 3.33 9.95 -21.44
CA ASN B 74 4.76 9.78 -21.46
C ASN B 74 5.36 9.60 -20.08
N ILE B 75 4.51 9.43 -19.11
CA ILE B 75 4.98 9.31 -17.75
C ILE B 75 4.50 8.01 -17.17
N GLU B 76 3.20 7.81 -17.28
CA GLU B 76 2.62 6.61 -16.73
C GLU B 76 2.66 5.45 -17.69
N LYS B 77 2.77 4.26 -17.10
CA LYS B 77 2.74 2.94 -17.73
C LYS B 77 1.50 2.13 -17.29
N ILE B 78 0.96 1.36 -18.23
CA ILE B 78 -0.17 0.48 -18.02
C ILE B 78 0.20 -0.94 -18.32
N SER B 79 -0.19 -1.85 -17.44
CA SER B 79 0.14 -3.22 -17.69
C SER B 79 -1.08 -4.07 -17.51
N MET B 80 -0.87 -5.30 -17.93
CA MET B 80 -1.89 -6.32 -17.86
C MET B 80 -1.33 -7.45 -17.09
N LEU B 81 -2.27 -8.17 -16.50
CA LEU B 81 -1.96 -9.28 -15.60
C LEU B 81 -1.91 -10.61 -16.28
N GLU B 82 -0.97 -11.43 -15.82
CA GLU B 82 -0.83 -12.79 -16.28
C GLU B 82 -1.62 -13.70 -15.34
N LYS B 83 -1.23 -13.75 -14.06
CA LYS B 83 -1.92 -14.56 -13.07
C LYS B 83 -2.03 -13.93 -11.70
N ILE B 84 -3.17 -14.20 -11.04
CA ILE B 84 -3.55 -13.73 -9.70
C ILE B 84 -3.45 -14.79 -8.60
N TYR B 85 -2.91 -14.42 -7.46
CA TYR B 85 -2.81 -15.38 -6.38
C TYR B 85 -3.19 -14.83 -5.03
N ILE B 86 -4.07 -15.55 -4.38
CA ILE B 86 -4.56 -15.17 -3.09
C ILE B 86 -4.11 -16.13 -2.01
N HIS B 87 -3.97 -15.63 -0.78
CA HIS B 87 -3.62 -16.56 0.25
C HIS B 87 -4.80 -17.52 0.45
N PRO B 88 -4.44 -18.80 0.32
CA PRO B 88 -5.28 -19.99 0.46
C PRO B 88 -6.05 -20.01 1.73
N ARG B 89 -5.45 -19.44 2.77
CA ARG B 89 -6.05 -19.36 4.05
C ARG B 89 -6.52 -17.95 4.43
N TYR B 90 -6.80 -17.16 3.43
CA TYR B 90 -7.34 -15.84 3.64
C TYR B 90 -8.74 -15.95 4.31
N ASN B 91 -9.02 -15.27 5.42
CA ASN B 91 -10.31 -15.42 6.09
C ASN B 91 -11.34 -14.35 5.73
N TRP B 92 -12.01 -14.49 4.59
CA TRP B 92 -12.99 -13.48 4.20
C TRP B 92 -14.26 -13.55 5.01
N ARG B 93 -14.49 -14.75 5.54
CA ARG B 93 -15.67 -15.07 6.31
C ARG B 93 -15.77 -14.34 7.64
N GLU B 94 -14.66 -14.23 8.33
CA GLU B 94 -14.72 -13.64 9.64
C GLU B 94 -14.09 -12.28 9.85
N ASN B 95 -12.76 -12.20 9.72
CA ASN B 95 -12.03 -11.00 10.07
C ASN B 95 -10.89 -10.60 9.16
N LEU B 96 -10.90 -11.06 7.92
CA LEU B 96 -9.87 -10.70 6.96
C LEU B 96 -8.47 -11.12 7.35
N ASP B 97 -8.42 -12.20 8.11
CA ASP B 97 -7.13 -12.72 8.45
C ASP B 97 -6.45 -13.13 7.16
N ARG B 98 -5.20 -12.67 7.00
CA ARG B 98 -4.40 -12.97 5.83
C ARG B 98 -4.90 -12.30 4.58
N ASP B 99 -5.24 -11.04 4.71
CA ASP B 99 -5.67 -10.32 3.54
C ASP B 99 -4.46 -9.93 2.66
N ILE B 100 -4.05 -10.80 1.75
CA ILE B 100 -2.90 -10.52 0.90
C ILE B 100 -3.04 -11.27 -0.39
N ALA B 101 -2.44 -10.70 -1.44
CA ALA B 101 -2.47 -11.25 -2.78
C ALA B 101 -1.32 -10.74 -3.63
N LEU B 102 -0.88 -11.62 -4.54
CA LEU B 102 0.16 -11.37 -5.52
C LEU B 102 -0.35 -11.29 -6.97
N MET B 103 0.15 -10.32 -7.73
CA MET B 103 -0.21 -10.24 -9.12
C MET B 103 1.00 -10.18 -10.04
N LYS B 104 0.95 -10.99 -11.08
CA LYS B 104 2.01 -11.11 -12.06
C LYS B 104 1.64 -10.46 -13.39
N LEU B 105 2.46 -9.48 -13.82
CA LEU B 105 2.17 -8.68 -15.00
C LEU B 105 2.44 -9.36 -16.32
N LYS B 106 1.67 -9.01 -17.37
CA LYS B 106 1.87 -9.61 -18.67
C LYS B 106 3.31 -9.43 -19.09
N LYS B 107 3.75 -8.17 -19.21
CA LYS B 107 5.18 -7.95 -19.47
C LYS B 107 5.80 -7.14 -18.35
N PRO B 108 7.09 -7.32 -18.17
CA PRO B 108 7.83 -6.63 -17.13
C PRO B 108 7.89 -5.14 -17.46
N VAL B 109 7.81 -4.33 -16.40
CA VAL B 109 7.79 -2.87 -16.54
C VAL B 109 9.17 -2.26 -16.40
N ALA B 110 9.43 -1.24 -17.20
CA ALA B 110 10.72 -0.59 -17.11
C ALA B 110 10.64 0.59 -16.15
N PHE B 111 11.68 0.58 -15.30
CA PHE B 111 11.92 1.60 -14.29
C PHE B 111 12.26 2.94 -14.91
N SER B 112 11.89 3.97 -14.15
CA SER B 112 12.06 5.35 -14.52
C SER B 112 12.15 6.19 -13.27
N ASP B 113 12.10 7.51 -13.45
CA ASP B 113 12.21 8.49 -12.39
C ASP B 113 10.96 8.46 -11.56
N TYR B 114 9.91 7.91 -12.15
CA TYR B 114 8.60 7.85 -11.53
C TYR B 114 8.11 6.46 -11.19
N ILE B 115 8.96 5.47 -11.45
CA ILE B 115 8.61 4.06 -11.26
C ILE B 115 9.81 3.26 -10.76
N HIS B 116 9.66 2.67 -9.55
CA HIS B 116 10.68 1.95 -8.81
C HIS B 116 10.06 1.16 -7.66
N PRO B 117 10.56 -0.05 -7.43
CA PRO B 117 10.02 -0.94 -6.40
C PRO B 117 10.53 -0.70 -4.99
N VAL B 118 9.81 -1.28 -4.06
CA VAL B 118 10.13 -1.15 -2.65
C VAL B 118 10.75 -2.45 -2.14
N CYS B 119 11.26 -2.44 -0.93
CA CYS B 119 11.83 -3.64 -0.39
C CYS B 119 10.89 -4.39 0.52
N LEU B 120 11.13 -5.68 0.72
CA LEU B 120 10.33 -6.41 1.70
C LEU B 120 11.19 -6.69 2.88
N PRO B 121 10.60 -6.50 4.08
CA PRO B 121 11.29 -6.62 5.34
C PRO B 121 11.95 -8.00 5.55
N ASP B 122 12.91 -8.02 6.46
CA ASP B 122 13.62 -9.22 6.88
C ASP B 122 13.36 -9.33 8.39
N ARG B 123 13.59 -10.53 8.98
CA ARG B 123 13.28 -10.71 10.39
C ARG B 123 13.84 -9.62 11.29
N GLU B 124 15.01 -9.13 10.93
CA GLU B 124 15.67 -8.15 11.75
C GLU B 124 15.09 -6.76 11.58
N THR B 125 15.03 -6.29 10.34
CA THR B 125 14.45 -5.00 10.04
C THR B 125 13.11 -4.93 10.74
N ALA B 126 12.41 -5.99 10.51
CA ALA B 126 11.09 -6.17 11.01
C ALA B 126 11.07 -6.13 12.52
N ALA B 127 12.05 -6.76 13.08
CA ALA B 127 12.08 -6.72 14.51
C ALA B 127 12.38 -5.31 15.02
N SER B 128 13.40 -4.73 14.43
CA SER B 128 13.82 -3.40 14.83
C SER B 128 12.86 -2.26 14.56
N LEU B 129 12.12 -2.27 13.46
CA LEU B 129 11.25 -1.15 13.17
C LEU B 129 9.81 -1.29 13.62
N LEU B 130 9.31 -2.52 13.55
CA LEU B 130 7.93 -2.80 13.94
C LEU B 130 7.66 -2.60 15.46
N GLN B 131 7.67 -1.32 15.90
CA GLN B 131 7.48 -1.00 17.30
C GLN B 131 6.53 0.19 17.52
N ALA B 132 5.79 0.15 18.64
CA ALA B 132 4.78 1.13 19.05
C ALA B 132 5.34 2.52 19.17
N GLY B 133 4.63 3.50 18.60
CA GLY B 133 5.03 4.88 18.60
C GLY B 133 5.89 5.19 17.38
N TYR B 134 6.35 4.16 16.69
CA TYR B 134 7.13 4.37 15.49
C TYR B 134 6.20 4.71 14.36
N LYS B 135 6.61 5.70 13.56
CA LYS B 135 5.83 6.13 12.41
C LYS B 135 6.16 5.53 11.07
N GLY B 136 5.07 5.30 10.32
CA GLY B 136 5.09 4.79 8.97
C GLY B 136 4.30 5.72 8.08
N ARG B 137 4.35 5.46 6.79
CA ARG B 137 3.67 6.32 5.87
C ARG B 137 2.76 5.55 4.95
N VAL B 138 1.57 6.15 4.74
CA VAL B 138 0.52 5.65 3.85
C VAL B 138 0.21 6.58 2.70
N THR B 139 -0.06 6.02 1.52
CA THR B 139 -0.37 6.84 0.36
C THR B 139 -1.54 6.29 -0.42
N GLY B 140 -2.14 7.12 -1.25
CA GLY B 140 -3.29 6.65 -1.96
C GLY B 140 -4.15 7.78 -2.49
N TRP B 141 -5.04 7.38 -3.38
CA TRP B 141 -5.98 8.19 -4.12
C TRP B 141 -7.41 8.03 -3.63
N GLY B 142 -7.60 7.51 -2.41
CA GLY B 142 -8.90 7.30 -1.80
C GLY B 142 -9.56 8.59 -1.27
N ASN B 143 -10.70 8.45 -0.63
CA ASN B 143 -11.44 9.61 -0.16
C ASN B 143 -10.70 10.34 0.91
N LEU B 144 -11.10 11.63 1.00
CA LEU B 144 -10.54 12.63 1.89
C LEU B 144 -11.35 12.82 3.15
N LYS B 145 -12.55 12.30 3.11
CA LYS B 145 -13.46 12.52 4.22
C LYS B 145 -14.32 11.27 4.30
N GLU B 146 -14.67 10.79 5.51
CA GLU B 146 -15.49 9.58 5.73
C GLU B 146 -16.80 9.47 4.92
N THR B 147 -17.66 10.48 5.02
CA THR B 147 -18.93 10.60 4.28
C THR B 147 -19.06 12.04 3.80
N TRP B 148 -19.60 12.21 2.60
CA TRP B 148 -19.78 13.53 2.00
C TRP B 148 -20.98 13.53 1.07
N GLY B 155 -14.37 16.48 -1.71
CA GLY B 155 -14.84 15.19 -2.21
C GLY B 155 -13.71 14.16 -2.34
N GLN B 156 -13.20 14.00 -3.57
CA GLN B 156 -12.08 13.11 -3.87
C GLN B 156 -10.82 13.94 -4.15
N PRO B 157 -9.65 13.30 -4.13
CA PRO B 157 -8.44 14.06 -4.35
C PRO B 157 -8.09 14.18 -5.83
N SER B 158 -7.23 15.15 -6.07
CA SER B 158 -6.70 15.51 -7.38
C SER B 158 -5.43 14.75 -7.69
N VAL B 159 -4.59 14.63 -6.67
CA VAL B 159 -3.32 13.95 -6.83
C VAL B 159 -3.09 12.98 -5.67
N LEU B 160 -2.06 12.16 -5.78
CA LEU B 160 -1.74 11.23 -4.72
C LEU B 160 -1.60 11.97 -3.39
N GLN B 161 -2.19 11.45 -2.32
CA GLN B 161 -2.12 12.06 -0.99
C GLN B 161 -1.22 11.27 -0.06
N VAL B 162 -0.66 11.88 0.99
CA VAL B 162 0.19 11.12 1.89
C VAL B 162 -0.05 11.38 3.37
N VAL B 163 0.15 10.40 4.24
CA VAL B 163 0.02 10.64 5.69
C VAL B 163 0.89 9.69 6.50
N ASN B 164 1.53 10.21 7.54
CA ASN B 164 2.41 9.40 8.39
C ASN B 164 1.73 9.12 9.72
N LEU B 165 1.76 7.87 10.15
CA LEU B 165 1.05 7.47 11.36
C LEU B 165 1.92 6.69 12.32
N PRO B 166 1.54 6.67 13.58
CA PRO B 166 2.30 5.91 14.57
C PRO B 166 1.70 4.51 14.75
N ILE B 167 2.56 3.55 15.02
CA ILE B 167 2.16 2.19 15.30
C ILE B 167 1.68 2.10 16.75
N VAL B 168 0.47 1.53 16.96
CA VAL B 168 -0.16 1.39 18.26
C VAL B 168 0.03 0.01 18.89
N GLU B 169 -0.03 -0.07 20.21
CA GLU B 169 0.13 -1.27 21.02
C GLU B 169 -1.03 -2.26 20.91
N ARG B 170 -0.68 -3.53 20.75
CA ARG B 170 -1.64 -4.61 20.58
C ARG B 170 -2.96 -4.53 21.33
N PRO B 171 -2.89 -4.39 22.65
CA PRO B 171 -4.04 -4.32 23.52
C PRO B 171 -4.96 -3.15 23.23
N VAL B 172 -4.36 -2.05 22.78
CA VAL B 172 -5.18 -0.88 22.52
C VAL B 172 -6.04 -1.13 21.30
N CYS B 173 -5.40 -1.85 20.40
CA CYS B 173 -5.97 -2.20 19.13
C CYS B 173 -7.18 -3.06 19.44
N LYS B 174 -6.86 -4.12 20.15
CA LYS B 174 -7.78 -5.14 20.59
C LYS B 174 -8.97 -4.52 21.35
N ASP B 175 -8.68 -3.54 22.19
CA ASP B 175 -9.73 -2.95 23.01
C ASP B 175 -10.54 -1.92 22.28
N SER B 176 -10.19 -1.71 21.02
CA SER B 176 -10.79 -0.71 20.16
C SER B 176 -11.95 -1.22 19.34
N THR B 177 -12.12 -2.53 19.33
CA THR B 177 -13.18 -3.12 18.52
C THR B 177 -13.63 -4.50 18.97
N ARG B 178 -14.73 -4.92 18.38
CA ARG B 178 -15.26 -6.24 18.67
C ARG B 178 -14.82 -7.34 17.72
N ILE B 179 -14.02 -7.00 16.70
CA ILE B 179 -13.60 -7.99 15.71
C ILE B 179 -12.49 -8.84 16.28
N ARG B 180 -12.52 -10.15 16.02
CA ARG B 180 -11.44 -11.02 16.49
C ARG B 180 -10.14 -10.87 15.67
N ILE B 181 -9.11 -10.39 16.37
CA ILE B 181 -7.77 -10.05 15.87
C ILE B 181 -6.65 -11.11 15.99
N THR B 182 -5.89 -11.24 14.90
CA THR B 182 -4.84 -12.21 14.81
C THR B 182 -3.45 -11.58 14.74
N ASP B 183 -2.48 -12.48 14.77
CA ASP B 183 -1.08 -12.14 14.75
C ASP B 183 -0.65 -11.65 13.42
N ASN B 184 -1.49 -11.86 12.39
CA ASN B 184 -1.12 -11.37 11.07
C ASN B 184 -1.60 -9.96 10.78
N MET B 185 -1.81 -9.17 11.86
CA MET B 185 -2.25 -7.78 11.83
C MET B 185 -1.50 -6.87 12.77
N PHE B 186 -1.64 -5.59 12.49
CA PHE B 186 -1.25 -4.50 13.35
C PHE B 186 -2.17 -3.31 13.02
N CYS B 187 -2.32 -2.37 13.95
CA CYS B 187 -3.18 -1.20 13.78
C CYS B 187 -2.38 0.07 13.87
N ALA B 188 -2.85 1.12 13.20
CA ALA B 188 -2.06 2.33 13.22
C ALA B 188 -2.85 3.60 13.34
N GLY B 189 -2.23 4.59 13.98
CA GLY B 189 -2.85 5.89 14.17
C GLY B 189 -2.61 6.56 15.52
N TYR B 190 -3.19 7.77 15.60
CA TYR B 190 -3.14 8.59 16.80
C TYR B 190 -4.24 8.22 17.77
N LYS B 191 -3.92 8.44 19.05
CA LYS B 191 -4.87 8.35 20.16
C LYS B 191 -5.61 9.68 20.21
N PRO B 192 -6.61 9.81 21.07
CA PRO B 192 -7.37 11.06 21.09
C PRO B 192 -6.71 12.25 21.80
N ASP B 193 -5.94 11.90 22.83
CA ASP B 193 -5.22 12.84 23.67
C ASP B 193 -4.00 13.38 22.97
N GLU B 194 -3.88 13.09 21.67
CA GLU B 194 -2.72 13.40 20.87
C GLU B 194 -2.74 14.70 20.02
N GLY B 195 -3.92 15.27 19.78
CA GLY B 195 -3.95 16.48 18.98
C GLY B 195 -4.00 16.17 17.48
N LYS B 196 -2.98 15.45 16.99
CA LYS B 196 -2.87 15.04 15.59
C LYS B 196 -3.92 13.99 15.18
N ARG B 197 -4.38 14.08 13.90
CA ARG B 197 -5.29 13.15 13.24
C ARG B 197 -4.72 12.64 11.91
N GLY B 198 -5.51 11.78 11.25
CA GLY B 198 -5.15 11.23 9.96
C GLY B 198 -5.45 9.74 9.88
N ASP B 199 -5.81 9.26 8.68
CA ASP B 199 -6.13 7.87 8.42
C ASP B 199 -6.32 7.62 6.92
N ALA B 200 -6.42 6.35 6.59
CA ALA B 200 -6.78 5.93 5.25
C ALA B 200 -8.32 5.89 5.20
N CYS B 201 -8.89 5.65 4.04
CA CYS B 201 -10.34 5.64 3.92
C CYS B 201 -10.73 4.83 2.69
N GLU B 202 -11.98 4.91 2.23
CA GLU B 202 -12.28 4.17 1.02
C GLU B 202 -11.40 4.53 -0.17
N GLY B 203 -10.86 3.50 -0.83
CA GLY B 203 -10.05 3.77 -1.99
C GLY B 203 -8.57 3.64 -1.77
N ASP B 204 -8.17 3.59 -0.51
CA ASP B 204 -6.77 3.43 -0.15
C ASP B 204 -6.29 1.95 -0.03
N SER B 205 -7.26 1.06 0.11
CA SER B 205 -7.08 -0.36 0.35
C SER B 205 -6.07 -0.94 -0.61
N GLY B 206 -5.34 -1.94 -0.12
CA GLY B 206 -4.35 -2.64 -0.93
C GLY B 206 -3.08 -1.84 -0.99
N GLY B 207 -3.17 -0.63 -0.48
CA GLY B 207 -1.98 0.17 -0.49
C GLY B 207 -0.97 -0.28 0.55
N PRO B 208 0.16 0.33 0.34
CA PRO B 208 1.38 0.18 1.09
C PRO B 208 1.50 1.05 2.32
N PHE B 209 1.93 0.48 3.43
CA PHE B 209 2.24 1.19 4.65
C PHE B 209 3.77 1.03 4.74
N VAL B 210 4.52 2.10 4.75
CA VAL B 210 5.96 1.88 4.68
C VAL B 210 6.72 2.61 5.74
N MET B 211 7.98 2.20 5.85
CA MET B 211 9.00 2.73 6.77
C MET B 211 10.38 2.85 6.11
N LYS B 212 11.09 3.89 6.52
CA LYS B 212 12.45 4.07 6.02
C LYS B 212 13.47 3.51 7.04
N SER B 213 14.39 2.60 6.64
CA SER B 213 15.40 2.08 7.58
C SER B 213 16.48 3.09 7.95
N PRO B 214 16.79 3.25 9.24
CA PRO B 214 17.79 4.21 9.57
C PRO B 214 19.18 3.63 9.49
N PHE B 215 19.27 2.33 9.22
CA PHE B 215 20.57 1.67 9.10
C PHE B 215 21.09 1.73 7.70
N ASN B 216 20.21 1.52 6.71
CA ASN B 216 20.67 1.55 5.33
C ASN B 216 19.95 2.50 4.41
N ASN B 217 18.97 3.25 4.95
CA ASN B 217 18.21 4.25 4.21
C ASN B 217 17.18 3.77 3.21
N ARG B 218 16.88 2.49 3.20
CA ARG B 218 15.89 2.11 2.23
C ARG B 218 14.48 2.14 2.80
N TRP B 219 13.50 2.17 1.90
CA TRP B 219 12.09 2.12 2.22
C TRP B 219 11.63 0.68 2.14
N TYR B 220 10.96 0.25 3.19
CA TYR B 220 10.46 -1.11 3.29
C TYR B 220 8.94 -1.15 3.40
N GLN B 221 8.31 -2.20 2.89
CA GLN B 221 6.88 -2.25 3.06
C GLN B 221 6.56 -3.11 4.24
N MET B 222 6.06 -2.51 5.28
CA MET B 222 5.72 -3.26 6.46
C MET B 222 4.28 -3.74 6.44
N GLY B 223 3.39 -2.96 5.85
CA GLY B 223 2.01 -3.36 5.84
C GLY B 223 1.24 -2.99 4.58
N ILE B 224 0.04 -3.60 4.43
CA ILE B 224 -0.93 -3.37 3.38
C ILE B 224 -2.19 -2.84 4.03
N VAL B 225 -2.74 -1.78 3.49
CA VAL B 225 -3.96 -1.20 4.04
C VAL B 225 -5.06 -2.26 4.03
N SER B 226 -5.50 -2.76 5.20
CA SER B 226 -6.51 -3.80 5.27
C SER B 226 -7.92 -3.37 5.65
N TRP B 227 -8.20 -3.22 6.90
CA TRP B 227 -9.57 -2.84 7.16
C TRP B 227 -9.68 -1.84 8.29
N GLY B 228 -10.90 -1.40 8.51
CA GLY B 228 -11.12 -0.42 9.56
C GLY B 228 -12.59 -0.11 9.67
N GLU B 229 -12.94 0.67 10.68
CA GLU B 229 -14.33 1.06 10.86
C GLU B 229 -14.47 2.58 10.84
N GLY B 230 -14.89 3.07 9.68
CA GLY B 230 -14.99 4.50 9.43
C GLY B 230 -13.64 5.09 9.00
N CYS B 231 -13.57 6.40 8.90
CA CYS B 231 -12.31 7.00 8.51
C CYS B 231 -11.94 8.06 9.52
N ASP B 232 -10.79 7.83 10.13
CA ASP B 232 -10.37 8.81 11.11
C ASP B 232 -11.42 9.11 12.18
N ARG B 233 -12.05 8.05 12.69
CA ARG B 233 -13.01 8.24 13.76
C ARG B 233 -12.23 8.32 15.03
N ASP B 234 -12.67 9.20 15.90
CA ASP B 234 -11.95 9.29 17.14
C ASP B 234 -12.04 8.00 17.95
N GLY B 235 -10.90 7.53 18.43
CA GLY B 235 -10.88 6.29 19.16
C GLY B 235 -10.76 5.10 18.20
N LYS B 236 -10.41 5.38 16.94
CA LYS B 236 -10.31 4.27 16.03
C LYS B 236 -9.02 4.24 15.24
N TYR B 237 -8.67 3.01 14.87
CA TYR B 237 -7.44 2.68 14.16
C TYR B 237 -7.66 1.84 12.93
N GLY B 238 -6.70 1.97 12.01
CA GLY B 238 -6.69 1.22 10.78
C GLY B 238 -5.89 -0.03 10.99
N PHE B 239 -6.37 -1.09 10.34
CA PHE B 239 -5.74 -2.38 10.41
C PHE B 239 -4.97 -2.62 9.16
N TYR B 240 -3.80 -3.24 9.39
CA TYR B 240 -2.84 -3.57 8.34
C TYR B 240 -2.38 -5.03 8.31
N THR B 241 -2.26 -5.60 7.12
CA THR B 241 -1.71 -6.94 6.98
C THR B 241 -0.22 -6.85 7.21
N HIS B 242 0.25 -7.74 8.07
CA HIS B 242 1.62 -7.94 8.54
C HIS B 242 2.46 -8.71 7.54
N VAL B 243 2.94 -7.96 6.59
CA VAL B 243 3.68 -8.51 5.49
C VAL B 243 4.78 -9.46 5.91
N PHE B 244 5.55 -9.08 6.89
CA PHE B 244 6.60 -9.98 7.29
C PHE B 244 6.16 -11.39 7.67
N ARG B 245 5.11 -11.46 8.47
CA ARG B 245 4.52 -12.71 8.92
C ARG B 245 4.02 -13.60 7.76
N LEU B 246 3.73 -12.98 6.62
CA LEU B 246 3.31 -13.75 5.47
C LEU B 246 4.41 -13.89 4.42
N LYS B 247 5.60 -13.44 4.77
CA LYS B 247 6.69 -13.48 3.84
C LYS B 247 7.00 -14.85 3.24
N LYS B 248 6.92 -15.91 4.03
CA LYS B 248 7.27 -17.18 3.38
C LYS B 248 6.36 -17.54 2.21
N TRP B 249 5.05 -17.33 2.37
CA TRP B 249 4.08 -17.61 1.34
C TRP B 249 4.49 -16.90 0.07
N ILE B 250 4.83 -15.64 0.22
CA ILE B 250 5.22 -14.84 -0.92
C ILE B 250 6.48 -15.38 -1.54
N GLN B 251 7.47 -15.69 -0.72
CA GLN B 251 8.73 -16.19 -1.27
C GLN B 251 8.48 -17.34 -2.24
N LYS B 252 7.62 -18.27 -1.78
CA LYS B 252 7.20 -19.43 -2.52
C LYS B 252 6.66 -19.01 -3.88
N VAL B 253 5.39 -18.65 -3.88
CA VAL B 253 4.76 -18.24 -5.11
C VAL B 253 5.69 -17.49 -6.02
N ILE B 254 6.58 -16.70 -5.47
CA ILE B 254 7.45 -16.01 -6.40
C ILE B 254 8.48 -16.99 -6.97
N ASP B 255 9.01 -17.81 -6.06
CA ASP B 255 9.95 -18.81 -6.49
C ASP B 255 9.32 -19.77 -7.52
N GLN B 256 8.20 -20.38 -7.15
CA GLN B 256 7.46 -21.30 -8.03
C GLN B 256 6.90 -20.76 -9.33
N PHE B 257 6.57 -19.48 -9.44
CA PHE B 257 5.95 -18.90 -10.64
C PHE B 257 6.69 -18.00 -11.61
N GLY B 258 8.03 -17.98 -11.52
CA GLY B 258 8.95 -17.29 -12.44
C GLY B 258 9.55 -15.88 -12.23
N GLU B 259 8.85 -15.07 -11.46
CA GLU B 259 9.24 -13.71 -11.26
C GLU B 259 9.11 -12.87 -12.52
N CHG C 1 -11.69 -2.17 3.13
CA CHG C 1 -13.06 -1.92 3.54
C CHG C 1 -13.07 -1.04 4.77
O CHG C 1 -12.45 -1.32 5.80
C1 CHG C 1 -13.96 -3.19 3.85
C2 CHG C 1 -13.18 -4.29 4.53
C3 CHG C 1 -14.14 -5.35 5.05
C4 CHG C 1 -14.82 -5.98 3.86
C5 CHG C 1 -15.59 -4.89 3.13
C6 CHG C 1 -14.65 -3.78 2.64
N ARG C 2 -13.82 0.05 4.68
CA ARG C 2 -14.10 0.87 5.83
C ARG C 2 -15.57 0.49 6.06
C1 NAL C 3 -15.89 -3.12 8.57
C2 NAL C 3 -17.06 -2.89 7.93
C3 NAL C 3 -17.63 -3.87 7.12
C4 NAL C 3 -17.06 -5.09 7.03
C4A NAL C 3 -15.85 -5.33 7.66
C5 NAL C 3 -15.25 -6.58 7.54
C6 NAL C 3 -14.07 -6.81 8.20
C7 NAL C 3 -13.49 -5.81 8.99
C8 NAL C 3 -14.07 -4.58 9.12
C8A NAL C 3 -15.27 -4.34 8.45
C9 NAL C 3 -17.73 -1.60 8.09
CA NAL C 3 -17.33 -0.66 7.00
C NAL C 3 -18.14 0.59 7.18
N NAL C 3 -15.92 -0.38 7.00
O NAL C 3 -18.19 1.15 8.27
N ASP C 16 -15.58 9.69 -13.61
CA ASP C 16 -15.00 10.98 -14.02
C ASP C 16 -13.57 10.94 -14.59
N TYR C 17 -13.11 9.76 -14.96
CA TYR C 17 -11.75 9.65 -15.43
C TYR C 17 -11.63 9.96 -16.89
N GLU C 18 -10.54 10.63 -17.19
CA GLU C 18 -10.14 10.96 -18.54
C GLU C 18 -10.02 9.65 -19.28
N GLU C 19 -10.36 9.62 -20.54
CA GLU C 19 -10.24 8.36 -21.23
C GLU C 19 -8.82 7.91 -21.47
N ILE C 20 -8.77 6.63 -21.60
CA ILE C 20 -7.59 5.89 -21.90
C ILE C 20 -7.75 5.48 -23.33
N PRO C 21 -6.65 5.60 -24.03
CA PRO C 21 -6.55 5.22 -25.43
C PRO C 21 -6.59 3.69 -25.58
N AIB C 22 -7.69 3.18 -26.16
CA AIB C 22 -7.99 1.76 -26.35
C AIB C 22 -6.77 0.91 -26.67
O AIB C 22 -6.64 -0.25 -26.23
CB1 AIB C 22 -9.00 1.63 -27.48
CB2 AIB C 22 -8.62 1.26 -25.07
N AIB C 23 -5.85 1.49 -27.43
CA AIB C 23 -4.62 0.81 -27.83
C AIB C 23 -4.14 -0.17 -26.77
O AIB C 23 -3.40 -1.11 -27.05
CB1 AIB C 23 -3.54 1.85 -28.10
CB2 AIB C 23 -4.90 0.04 -29.12
N TYR C 24 -4.55 0.10 -25.54
CA TYR C 24 -4.16 -0.71 -24.41
C TYR C 24 -5.11 -1.86 -24.12
N ALC C 25 -6.40 -1.68 -24.42
CA ALC C 25 -7.40 -2.71 -24.17
C ALC C 25 -7.22 -3.99 -24.98
O ALC C 25 -8.05 -4.29 -25.83
CB ALC C 25 -8.82 -2.19 -24.35
CG ALC C 25 -9.07 -0.99 -23.47
CD2 ALC C 25 -8.44 -1.18 -22.11
CE2 ALC C 25 -8.67 0.06 -21.28
CZ ALC C 25 -10.16 0.28 -21.11
CE1 ALC C 25 -10.81 0.46 -22.48
CD1 ALC C 25 -10.57 -0.78 -23.31
N DGL C 26 -6.16 -4.73 -24.68
CA DGL C 26 -5.83 -6.00 -25.31
C DGL C 26 -6.67 -6.32 -26.55
O DGL C 26 -7.68 -7.04 -26.40
CB DGL C 26 -4.33 -6.16 -25.59
CG DGL C 26 -3.83 -5.25 -26.74
CD DGL C 26 -2.33 -5.31 -26.92
OE1 DGL C 26 -1.71 -4.46 -27.52
OE2 DGL C 26 -1.79 -6.37 -26.37
OXT DGL C 26 -6.32 -5.84 -27.65
C1 NAG D . -13.87 -16.03 -8.36
C2 NAG D . -14.14 -17.15 -7.40
C3 NAG D . -13.89 -18.57 -7.86
C4 NAG D . -13.77 -18.69 -9.35
C5 NAG D . -13.58 -17.44 -10.23
C6 NAG D . -13.37 -17.66 -11.73
C7 NAG D . -15.63 -17.38 -5.27
C8 NAG D . -17.03 -17.05 -5.76
N2 NAG D . -14.64 -16.79 -6.03
O3 NAG D . -14.48 -19.71 -7.16
O4 NAG D . -13.54 -20.01 -9.94
O5 NAG D . -14.24 -16.27 -9.73
O6 NAG D . -13.18 -16.61 -12.63
O7 NAG D . -15.48 -17.10 -4.08
#